data_4YZR
#
_entry.id   4YZR
#
_cell.length_a   48.810
_cell.length_b   66.690
_cell.length_c   74.540
_cell.angle_alpha   90.00
_cell.angle_beta   107.68
_cell.angle_gamma   90.00
#
_symmetry.space_group_name_H-M   'P 1 21 1'
#
loop_
_entity.id
_entity.type
_entity.pdbx_description
1 polymer 'Polyketide biosynthesis cytochrome P450 PksS'
2 non-polymer HISTIDINE
3 non-polymer 'PROTOPORPHYRIN IX CONTAINING FE'
4 water water
#
_entity_poly.entity_id   1
_entity_poly.type   'polypeptide(L)'
_entity_poly.pdbx_seq_one_letter_code
;MEKLMFHPHGKEFHHNPFSVLGRFREEEPIHRFELKRFGATYPAWLITRYDDCMAFLKDNRITRDVKNVMNQEQIKMLNV
SEDIDFVSDHMLAKDTPDHTRLRSLVHQAFTPRTIENLRGSIEQIAEQLLDEMEKENKADIMKSFASPLPFIVISELMGI
PKEDRSQFQIWTNAMVDTSEGNRELTNQALREFKDYIAKLIHDRRIKPKDDLISKLVHAEENGSKLSEKELYSMLFLLVV
AGLETTVNLLGSGTLALLQHKKECEKLKQQPEMIATAVEELLRYTSPVVMMANRWAIEDFTYKGHSIKRGDMIFIGIGSA
NRDPNFFENPEILNINRSPNRHISFGFGIHFCLGAPLARLEGHIAFKALLKRFPDIELAVAPDDIQWRKNVFLRGLESLP
VSLSK
;
_entity_poly.pdbx_strand_id   A
#
# COMPACT_ATOMS: atom_id res chain seq x y z
N MET A 5 -15.89 8.02 -20.42
CA MET A 5 -16.36 6.92 -19.45
C MET A 5 -15.14 6.19 -18.82
N PHE A 6 -15.04 6.25 -17.51
CA PHE A 6 -13.93 5.60 -16.82
C PHE A 6 -14.11 4.07 -16.81
N HIS A 7 -13.05 3.39 -17.26
CA HIS A 7 -12.96 2.01 -17.34
C HIS A 7 -11.74 1.46 -16.60
N PRO A 8 -11.91 1.27 -15.30
CA PRO A 8 -10.70 0.89 -14.54
C PRO A 8 -10.18 -0.47 -14.89
N HIS A 9 -11.00 -1.38 -15.50
CA HIS A 9 -10.56 -2.68 -15.95
C HIS A 9 -10.18 -2.64 -17.42
N GLY A 10 -10.09 -1.52 -18.05
CA GLY A 10 -9.74 -1.39 -19.49
C GLY A 10 -8.30 -1.29 -19.81
N LYS A 11 -7.97 -1.25 -21.09
CA LYS A 11 -6.60 -1.32 -21.47
C LYS A 11 -5.83 -0.02 -21.08
N GLU A 12 -6.42 1.10 -21.32
CA GLU A 12 -5.70 2.40 -21.09
C GLU A 12 -5.29 2.54 -19.59
N PHE A 13 -6.20 2.16 -18.72
CA PHE A 13 -5.89 2.25 -17.25
C PHE A 13 -4.83 1.32 -16.88
N HIS A 14 -4.76 0.12 -17.47
CA HIS A 14 -3.68 -0.79 -17.22
C HIS A 14 -2.34 -0.33 -17.80
N HIS A 15 -2.40 0.34 -18.92
CA HIS A 15 -1.18 0.82 -19.54
C HIS A 15 -0.53 1.94 -18.72
N ASN A 16 -1.37 2.86 -18.28
CA ASN A 16 -0.88 4.05 -17.47
C ASN A 16 -2.05 4.65 -16.76
N PRO A 17 -2.20 4.29 -15.49
CA PRO A 17 -3.36 4.85 -14.78
C PRO A 17 -3.20 6.37 -14.46
N PHE A 18 -1.96 6.78 -14.43
CA PHE A 18 -1.67 8.19 -14.13
C PHE A 18 -2.19 9.04 -15.25
N SER A 19 -2.03 8.56 -16.48
CA SER A 19 -2.48 9.42 -17.60
CA SER A 19 -2.51 9.24 -17.70
C SER A 19 -4.02 9.39 -17.70
N VAL A 20 -4.65 8.29 -17.38
CA VAL A 20 -6.10 8.25 -17.38
C VAL A 20 -6.65 9.18 -16.30
N LEU A 21 -6.20 8.96 -15.05
CA LEU A 21 -6.70 9.77 -13.94
C LEU A 21 -6.40 11.29 -14.15
N GLY A 22 -5.27 11.58 -14.76
CA GLY A 22 -4.88 12.96 -15.05
C GLY A 22 -5.82 13.62 -16.06
N ARG A 23 -6.21 12.83 -17.07
CA ARG A 23 -7.16 13.38 -18.07
C ARG A 23 -8.46 13.66 -17.44
N PHE A 24 -8.99 12.78 -16.56
CA PHE A 24 -10.16 13.04 -15.79
C PHE A 24 -10.00 14.26 -14.89
N ARG A 25 -8.87 14.41 -14.26
CA ARG A 25 -8.67 15.55 -13.39
C ARG A 25 -8.86 16.86 -14.17
N GLU A 26 -8.33 16.91 -15.38
CA GLU A 26 -8.41 18.16 -16.21
C GLU A 26 -9.75 18.29 -16.84
N GLU A 27 -10.43 17.22 -17.22
CA GLU A 27 -11.67 17.28 -18.08
C GLU A 27 -12.96 17.02 -17.40
N GLU A 28 -12.99 16.11 -16.41
CA GLU A 28 -14.17 15.72 -15.77
C GLU A 28 -13.76 15.19 -14.37
N PRO A 29 -13.45 16.16 -13.52
CA PRO A 29 -12.84 15.78 -12.21
C PRO A 29 -13.77 15.15 -11.24
N ILE A 30 -15.10 15.21 -11.40
CA ILE A 30 -16.04 14.50 -10.60
CA ILE A 30 -16.06 14.53 -10.58
C ILE A 30 -16.89 13.72 -11.58
N HIS A 31 -16.75 12.42 -11.62
CA HIS A 31 -17.27 11.63 -12.76
C HIS A 31 -17.98 10.50 -12.30
N ARG A 32 -19.28 10.34 -12.71
CA ARG A 32 -20.04 9.21 -12.38
C ARG A 32 -19.78 8.00 -13.29
N PHE A 33 -19.61 6.83 -12.78
CA PHE A 33 -19.39 5.62 -13.61
C PHE A 33 -20.00 4.47 -12.90
N GLU A 34 -19.94 3.30 -13.58
CA GLU A 34 -20.47 2.08 -13.11
C GLU A 34 -19.37 1.05 -12.99
N LEU A 35 -19.32 0.47 -11.80
CA LEU A 35 -18.20 -0.37 -11.42
C LEU A 35 -18.75 -1.76 -11.65
N LYS A 36 -18.00 -2.57 -12.43
CA LYS A 36 -18.43 -3.91 -12.85
C LYS A 36 -17.66 -4.99 -12.07
N ALA A 40 -22.07 -7.87 -11.06
CA ALA A 40 -23.11 -6.90 -11.35
C ALA A 40 -22.50 -5.49 -11.53
N THR A 41 -23.35 -4.46 -11.44
CA THR A 41 -22.87 -3.08 -11.52
C THR A 41 -23.41 -2.25 -10.36
N TYR A 42 -22.57 -1.33 -9.96
CA TYR A 42 -22.75 -0.43 -8.81
C TYR A 42 -22.31 0.98 -9.22
N PRO A 43 -23.09 2.00 -8.82
CA PRO A 43 -22.78 3.36 -9.17
C PRO A 43 -21.58 3.83 -8.27
N ALA A 44 -20.83 4.67 -8.90
CA ALA A 44 -19.57 5.21 -8.30
C ALA A 44 -19.23 6.53 -8.87
N TRP A 45 -18.42 7.26 -8.12
CA TRP A 45 -17.89 8.54 -8.53
C TRP A 45 -16.37 8.54 -8.45
N LEU A 46 -15.74 8.97 -9.52
CA LEU A 46 -14.31 9.12 -9.56
C LEU A 46 -13.95 10.54 -9.24
N ILE A 47 -13.11 10.78 -8.21
CA ILE A 47 -12.69 12.09 -7.75
C ILE A 47 -11.22 12.24 -8.00
N THR A 48 -10.78 13.12 -8.91
CA THR A 48 -9.42 13.20 -9.33
C THR A 48 -8.60 14.37 -8.95
N ARG A 49 -9.26 15.49 -8.55
CA ARG A 49 -8.50 16.62 -8.05
C ARG A 49 -8.11 16.54 -6.59
N TYR A 50 -7.02 17.18 -6.21
CA TYR A 50 -6.55 17.13 -4.83
C TYR A 50 -7.56 17.79 -3.90
N ASP A 51 -8.08 18.97 -4.26
CA ASP A 51 -8.99 19.63 -3.36
C ASP A 51 -10.24 18.85 -3.17
N ASP A 52 -10.76 18.25 -4.23
CA ASP A 52 -11.98 17.46 -4.06
C ASP A 52 -11.75 16.11 -3.32
N CYS A 53 -10.56 15.53 -3.55
CA CYS A 53 -10.21 14.34 -2.78
C CYS A 53 -10.18 14.65 -1.32
N MET A 54 -9.51 15.80 -0.99
CA MET A 54 -9.49 16.24 0.43
C MET A 54 -10.87 16.43 0.98
N ALA A 55 -11.73 17.07 0.24
CA ALA A 55 -13.11 17.29 0.77
C ALA A 55 -13.76 15.95 1.05
N PHE A 56 -13.69 14.98 0.16
CA PHE A 56 -14.30 13.66 0.39
C PHE A 56 -13.64 12.87 1.44
N LEU A 57 -12.36 13.04 1.70
CA LEU A 57 -11.67 12.35 2.81
C LEU A 57 -12.08 12.85 4.17
N LYS A 58 -12.57 14.04 4.24
CA LYS A 58 -13.00 14.66 5.50
C LYS A 58 -14.50 14.64 5.67
N ASP A 59 -15.26 14.23 4.69
CA ASP A 59 -16.71 14.45 4.68
C ASP A 59 -17.35 13.31 5.49
N ASN A 60 -18.08 13.68 6.58
CA ASN A 60 -18.75 12.68 7.40
C ASN A 60 -20.03 12.07 6.75
N ARG A 61 -20.36 12.49 5.53
CA ARG A 61 -21.45 11.86 4.73
C ARG A 61 -20.87 10.61 4.02
N ILE A 62 -19.60 10.29 4.16
CA ILE A 62 -18.97 9.13 3.51
C ILE A 62 -18.68 8.13 4.57
N THR A 63 -19.06 6.89 4.46
CA THR A 63 -18.82 5.83 5.38
C THR A 63 -17.82 4.82 4.81
N ARG A 64 -17.15 4.11 5.67
CA ARG A 64 -16.28 3.03 5.31
C ARG A 64 -16.92 1.70 5.61
N ASP A 65 -18.10 1.75 6.23
CA ASP A 65 -18.80 0.56 6.60
C ASP A 65 -20.09 0.44 5.75
N VAL A 66 -19.98 -0.45 4.82
CA VAL A 66 -21.01 -0.61 3.80
C VAL A 66 -22.38 -0.95 4.37
N LYS A 67 -22.47 -1.39 5.59
CA LYS A 67 -23.83 -1.52 6.23
C LYS A 67 -24.69 -0.33 6.38
N ASN A 68 -24.13 0.83 6.54
CA ASN A 68 -24.87 2.00 6.59
C ASN A 68 -25.66 2.09 5.39
N VAL A 69 -25.29 1.36 4.31
CA VAL A 69 -25.97 1.65 3.04
C VAL A 69 -26.73 0.45 2.50
N MET A 70 -26.68 -0.65 3.10
CA MET A 70 -27.38 -1.87 2.72
C MET A 70 -28.68 -2.00 3.51
N ASN A 71 -29.82 -2.10 2.86
CA ASN A 71 -29.97 -2.17 1.40
C ASN A 71 -29.23 -3.27 0.61
N GLN A 72 -29.70 -4.50 0.63
CA GLN A 72 -29.03 -5.55 -0.17
C GLN A 72 -28.43 -6.63 0.74
N ASP A 83 -15.88 -19.02 10.04
CA ASP A 83 -16.04 -18.01 9.03
C ASP A 83 -14.70 -17.30 8.60
N ILE A 84 -14.87 -16.53 7.56
CA ILE A 84 -13.85 -15.63 7.07
C ILE A 84 -14.43 -14.21 7.04
N ASP A 85 -15.41 -13.93 7.89
CA ASP A 85 -15.94 -12.60 7.99
C ASP A 85 -14.93 -11.59 8.60
N PHE A 86 -13.86 -12.11 9.25
CA PHE A 86 -12.79 -11.26 9.71
C PHE A 86 -12.25 -10.37 8.60
N VAL A 87 -12.26 -10.80 7.33
CA VAL A 87 -11.69 -10.07 6.24
C VAL A 87 -12.33 -8.73 5.97
N SER A 88 -13.59 -8.60 6.28
CA SER A 88 -14.23 -7.32 6.02
C SER A 88 -14.59 -6.55 7.31
N ASP A 89 -14.08 -6.96 8.47
CA ASP A 89 -14.38 -6.37 9.73
C ASP A 89 -13.16 -5.62 10.38
N HIS A 90 -12.09 -5.50 9.66
CA HIS A 90 -10.94 -4.73 10.16
C HIS A 90 -11.25 -3.23 10.23
N MET A 91 -10.36 -2.52 10.85
CA MET A 91 -10.59 -1.15 11.17
C MET A 91 -10.73 -0.25 9.99
N LEU A 92 -10.18 -0.61 8.83
CA LEU A 92 -10.29 0.23 7.69
C LEU A 92 -11.73 0.17 7.12
N ALA A 93 -12.53 -0.76 7.60
CA ALA A 93 -13.93 -0.91 7.28
C ALA A 93 -14.79 -0.44 8.44
N LYS A 94 -14.29 0.40 9.30
CA LYS A 94 -15.06 0.92 10.48
C LYS A 94 -14.98 2.41 10.49
N ASP A 95 -15.99 3.08 11.00
CA ASP A 95 -16.06 4.43 11.25
C ASP A 95 -15.89 4.69 12.77
N THR A 96 -15.78 5.93 13.13
CA THR A 96 -15.75 6.32 14.55
C THR A 96 -17.13 6.04 15.18
N PRO A 97 -17.21 5.63 16.44
CA PRO A 97 -16.16 5.52 17.37
C PRO A 97 -15.50 4.15 17.39
N ASP A 98 -16.02 3.18 16.71
CA ASP A 98 -15.46 1.79 16.77
C ASP A 98 -14.00 1.84 16.20
N HIS A 99 -13.79 2.63 15.15
CA HIS A 99 -12.44 2.75 14.58
C HIS A 99 -11.49 3.27 15.61
N THR A 100 -11.86 4.22 16.45
CA THR A 100 -10.99 4.86 17.35
C THR A 100 -10.40 3.87 18.35
N ARG A 101 -11.25 3.03 18.86
CA ARG A 101 -10.83 2.00 19.82
C ARG A 101 -9.83 1.04 19.12
N LEU A 102 -10.22 0.49 17.97
CA LEU A 102 -9.30 -0.45 17.29
C LEU A 102 -7.95 0.22 16.99
N ARG A 103 -7.92 1.43 16.55
CA ARG A 103 -6.66 2.09 16.24
C ARG A 103 -5.87 2.25 17.49
N SER A 104 -6.49 2.56 18.66
CA SER A 104 -5.71 2.80 19.88
C SER A 104 -5.10 1.53 20.40
N LEU A 105 -5.61 0.39 20.08
CA LEU A 105 -5.12 -0.90 20.47
C LEU A 105 -3.92 -1.36 19.64
N VAL A 106 -3.75 -0.86 18.42
CA VAL A 106 -2.58 -1.22 17.63
C VAL A 106 -1.63 -0.11 17.59
N HIS A 107 -2.00 1.11 17.83
CA HIS A 107 -1.17 2.29 17.65
C HIS A 107 0.24 2.22 18.14
N GLN A 108 0.35 1.74 19.28
CA GLN A 108 1.62 1.65 19.92
C GLN A 108 2.65 0.78 19.16
N ALA A 109 2.26 -0.19 18.38
CA ALA A 109 3.12 -0.92 17.59
C ALA A 109 3.76 -0.22 16.47
N PHE A 110 3.27 0.98 16.17
CA PHE A 110 3.78 1.74 15.02
C PHE A 110 4.19 3.14 15.40
N THR A 111 4.60 3.30 16.67
CA THR A 111 5.18 4.65 17.05
C THR A 111 6.58 4.81 16.55
N PRO A 112 7.02 6.09 16.40
CA PRO A 112 8.33 6.31 15.80
C PRO A 112 9.53 5.54 16.37
N ARG A 113 9.63 5.34 17.66
CA ARG A 113 10.77 4.66 18.23
C ARG A 113 10.64 3.18 17.93
N THR A 114 9.43 2.62 18.13
CA THR A 114 9.22 1.21 18.01
C THR A 114 9.71 0.78 16.59
N ILE A 115 9.22 1.52 15.60
CA ILE A 115 9.55 1.17 14.20
C ILE A 115 11.00 1.48 13.97
N GLU A 116 11.52 2.60 14.45
CA GLU A 116 12.90 2.94 14.27
C GLU A 116 13.84 1.90 14.79
N ASN A 117 13.41 1.27 15.86
CA ASN A 117 14.15 0.17 16.50
C ASN A 117 14.36 -1.05 15.59
N LEU A 118 13.56 -1.12 14.52
CA LEU A 118 13.72 -2.17 13.51
C LEU A 118 14.80 -1.91 12.50
N ARG A 119 15.41 -0.75 12.51
CA ARG A 119 16.35 -0.33 11.47
C ARG A 119 17.44 -1.30 11.26
N GLY A 120 18.14 -1.71 12.32
CA GLY A 120 19.27 -2.62 12.14
C GLY A 120 18.89 -3.92 11.51
N SER A 121 17.79 -4.49 11.88
CA SER A 121 17.29 -5.74 11.31
C SER A 121 16.89 -5.60 9.85
N ILE A 122 16.35 -4.46 9.46
CA ILE A 122 15.97 -4.24 8.06
C ILE A 122 17.23 -4.02 7.22
N GLU A 123 18.20 -3.31 7.75
CA GLU A 123 19.47 -3.16 7.05
C GLU A 123 20.09 -4.52 6.84
N GLN A 124 20.01 -5.43 7.74
CA GLN A 124 20.65 -6.72 7.62
C GLN A 124 19.97 -7.49 6.54
N ILE A 125 18.65 -7.44 6.47
CA ILE A 125 17.91 -8.13 5.37
C ILE A 125 18.28 -7.57 4.08
N ALA A 126 18.35 -6.29 3.92
CA ALA A 126 18.75 -5.67 2.67
C ALA A 126 20.12 -6.13 2.23
N GLU A 127 21.04 -6.09 3.15
CA GLU A 127 22.44 -6.51 2.79
C GLU A 127 22.53 -7.93 2.45
N GLN A 128 21.82 -8.82 3.02
CA GLN A 128 21.80 -10.21 2.63
C GLN A 128 21.22 -10.39 1.26
N LEU A 129 20.13 -9.69 0.94
CA LEU A 129 19.55 -9.82 -0.39
C LEU A 129 20.49 -9.30 -1.43
N LEU A 130 21.16 -8.19 -1.16
CA LEU A 130 22.12 -7.58 -2.08
C LEU A 130 23.32 -8.54 -2.25
N ASP A 131 23.73 -9.25 -1.21
CA ASP A 131 24.87 -10.23 -1.38
C ASP A 131 24.48 -11.23 -2.36
N GLU A 132 23.30 -11.75 -2.42
CA GLU A 132 22.89 -12.71 -3.40
C GLU A 132 22.86 -12.12 -4.73
N MET A 133 22.38 -10.91 -4.89
CA MET A 133 22.32 -10.28 -6.20
C MET A 133 23.70 -10.01 -6.76
N GLU A 134 24.66 -9.74 -5.92
CA GLU A 134 26.02 -9.43 -6.38
C GLU A 134 26.74 -10.63 -7.03
N LYS A 135 26.19 -11.80 -6.93
CA LYS A 135 26.76 -13.01 -7.58
C LYS A 135 26.58 -12.92 -9.08
N GLU A 136 25.70 -12.06 -9.60
CA GLU A 136 25.43 -11.92 -11.02
C GLU A 136 25.51 -10.47 -11.47
N ASN A 137 25.50 -10.18 -12.78
CA ASN A 137 25.53 -8.84 -13.26
C ASN A 137 24.19 -8.30 -13.76
N LYS A 138 23.14 -9.07 -13.45
CA LYS A 138 21.77 -8.69 -13.83
C LYS A 138 20.87 -9.25 -12.77
N ALA A 139 19.66 -8.68 -12.67
CA ALA A 139 18.65 -9.18 -11.69
C ALA A 139 17.27 -8.72 -12.17
N ASP A 140 16.28 -9.47 -11.69
CA ASP A 140 14.89 -8.99 -11.61
C ASP A 140 14.71 -8.39 -10.23
N ILE A 141 14.64 -7.08 -10.19
CA ILE A 141 14.49 -6.39 -8.87
C ILE A 141 13.27 -6.85 -8.12
N MET A 142 12.20 -7.24 -8.78
CA MET A 142 11.07 -7.71 -7.97
C MET A 142 11.39 -8.97 -7.26
N LYS A 143 11.84 -10.02 -7.97
CA LYS A 143 12.12 -11.26 -7.32
C LYS A 143 13.21 -11.24 -6.30
N SER A 144 14.27 -10.49 -6.62
CA SER A 144 15.48 -10.50 -5.84
C SER A 144 15.50 -9.58 -4.67
N PHE A 145 14.65 -8.53 -4.67
CA PHE A 145 14.87 -7.48 -3.68
C PHE A 145 13.53 -6.83 -3.25
N ALA A 146 12.76 -6.32 -4.14
CA ALA A 146 11.52 -5.53 -3.75
C ALA A 146 10.53 -6.44 -3.19
N SER A 147 10.28 -7.66 -3.71
CA SER A 147 9.30 -8.59 -3.13
CA SER A 147 9.30 -8.57 -3.10
C SER A 147 9.79 -9.23 -1.83
N PRO A 148 11.04 -9.75 -1.74
CA PRO A 148 11.44 -10.48 -0.50
C PRO A 148 11.65 -9.59 0.67
N LEU A 149 12.12 -8.36 0.50
CA LEU A 149 12.49 -7.55 1.65
C LEU A 149 11.27 -7.30 2.54
N PRO A 150 10.14 -6.81 2.02
CA PRO A 150 8.97 -6.54 2.89
C PRO A 150 8.47 -7.83 3.49
N PHE A 151 8.51 -8.93 2.75
CA PHE A 151 8.07 -10.23 3.29
C PHE A 151 8.89 -10.66 4.47
N ILE A 152 10.18 -10.52 4.41
CA ILE A 152 11.00 -10.92 5.54
C ILE A 152 10.78 -9.96 6.73
N VAL A 153 10.66 -8.66 6.45
CA VAL A 153 10.34 -7.73 7.51
C VAL A 153 9.08 -8.06 8.23
N ILE A 154 8.02 -8.33 7.50
CA ILE A 154 6.73 -8.71 8.09
C ILE A 154 6.85 -10.00 8.83
N SER A 155 7.47 -10.95 8.28
CA SER A 155 7.72 -12.25 8.97
C SER A 155 8.43 -12.05 10.23
N GLU A 156 9.49 -11.34 10.27
CA GLU A 156 10.21 -11.06 11.53
C GLU A 156 9.34 -10.31 12.48
N LEU A 157 8.61 -9.31 12.00
CA LEU A 157 7.81 -8.50 12.92
C LEU A 157 6.71 -9.32 13.58
N MET A 158 6.09 -10.21 12.84
CA MET A 158 5.03 -11.06 13.33
C MET A 158 5.58 -12.36 14.04
N GLY A 159 6.85 -12.60 14.05
CA GLY A 159 7.41 -13.79 14.64
C GLY A 159 7.08 -15.03 13.91
N ILE A 160 7.02 -14.99 12.58
CA ILE A 160 6.76 -16.21 11.80
C ILE A 160 8.10 -16.98 11.74
N PRO A 161 8.11 -18.23 12.31
CA PRO A 161 9.39 -18.95 12.31
C PRO A 161 9.86 -19.21 10.88
N LYS A 162 11.15 -19.27 10.68
CA LYS A 162 11.73 -19.49 9.39
C LYS A 162 11.17 -20.76 8.71
N GLU A 163 10.91 -21.80 9.50
CA GLU A 163 10.35 -23.03 8.93
C GLU A 163 8.97 -22.94 8.40
N ASP A 164 8.29 -21.85 8.72
CA ASP A 164 6.92 -21.61 8.31
C ASP A 164 6.75 -20.57 7.12
N ARG A 165 7.88 -20.01 6.78
CA ARG A 165 7.82 -18.88 5.83
C ARG A 165 7.42 -19.27 4.41
N SER A 166 7.90 -20.41 3.91
CA SER A 166 7.50 -20.79 2.59
C SER A 166 6.04 -20.99 2.48
N GLN A 167 5.42 -21.66 3.47
CA GLN A 167 4.04 -21.83 3.53
C GLN A 167 3.26 -20.47 3.71
N PHE A 168 3.81 -19.67 4.63
CA PHE A 168 3.18 -18.36 4.85
C PHE A 168 3.12 -17.50 3.55
N GLN A 169 4.14 -17.62 2.76
CA GLN A 169 4.21 -16.92 1.46
C GLN A 169 3.11 -17.44 0.59
N ILE A 170 2.91 -18.74 0.50
CA ILE A 170 1.84 -19.28 -0.35
C ILE A 170 0.51 -18.80 0.10
N TRP A 171 0.19 -18.83 1.40
CA TRP A 171 -1.08 -18.40 1.84
C TRP A 171 -1.32 -16.89 1.58
N THR A 172 -0.29 -16.10 1.91
CA THR A 172 -0.45 -14.61 1.83
C THR A 172 -0.60 -14.19 0.40
N ASN A 173 0.10 -14.84 -0.53
CA ASN A 173 -0.14 -14.58 -1.95
C ASN A 173 -1.53 -14.98 -2.42
N ALA A 174 -2.01 -16.14 -2.03
CA ALA A 174 -3.30 -16.61 -2.48
C ALA A 174 -4.42 -15.85 -1.88
N MET A 175 -4.28 -15.38 -0.64
CA MET A 175 -5.43 -14.85 0.04
C MET A 175 -5.88 -13.45 -0.41
N VAL A 176 -5.03 -12.78 -1.16
CA VAL A 176 -5.21 -11.39 -1.80
C VAL A 176 -5.40 -11.45 -3.31
N ASP A 177 -5.53 -12.63 -3.85
CA ASP A 177 -5.73 -12.75 -5.31
C ASP A 177 -6.98 -11.98 -5.76
N THR A 178 -6.83 -11.14 -6.82
CA THR A 178 -8.00 -10.34 -7.35
C THR A 178 -8.81 -11.03 -8.47
N SER A 179 -8.24 -12.11 -8.94
CA SER A 179 -8.90 -12.87 -9.93
C SER A 179 -10.22 -13.30 -9.38
N GLU A 180 -11.30 -12.73 -9.91
CA GLU A 180 -12.69 -13.05 -9.54
C GLU A 180 -13.13 -14.56 -9.60
N GLY A 181 -12.59 -15.23 -10.59
CA GLY A 181 -12.89 -16.61 -10.73
C GLY A 181 -12.20 -17.42 -9.69
N ASN A 182 -11.23 -16.89 -8.94
CA ASN A 182 -10.60 -17.86 -8.01
C ASN A 182 -11.20 -17.83 -6.60
N ARG A 183 -12.44 -17.38 -6.46
CA ARG A 183 -12.96 -16.92 -5.18
C ARG A 183 -13.03 -17.99 -4.11
N GLU A 184 -13.42 -19.19 -4.47
CA GLU A 184 -13.48 -20.31 -3.51
C GLU A 184 -12.06 -20.62 -2.99
N LEU A 185 -11.10 -20.57 -3.89
CA LEU A 185 -9.68 -20.86 -3.53
C LEU A 185 -9.06 -19.71 -2.64
N THR A 186 -9.42 -18.48 -2.94
CA THR A 186 -9.00 -17.36 -2.11
C THR A 186 -9.60 -17.49 -0.68
N ASN A 187 -10.89 -17.83 -0.58
CA ASN A 187 -11.57 -18.00 0.70
C ASN A 187 -10.95 -19.09 1.50
N GLN A 188 -10.53 -20.14 0.80
CA GLN A 188 -9.80 -21.21 1.43
C GLN A 188 -8.42 -20.79 2.08
N ALA A 189 -7.69 -20.04 1.32
CA ALA A 189 -6.41 -19.50 1.82
C ALA A 189 -6.62 -18.60 3.00
N LEU A 190 -7.71 -17.82 2.95
CA LEU A 190 -8.13 -17.02 4.14
C LEU A 190 -8.38 -17.81 5.36
N ARG A 191 -9.14 -18.92 5.22
CA ARG A 191 -9.43 -19.82 6.30
C ARG A 191 -8.16 -20.45 6.84
N GLU A 192 -7.22 -20.80 5.96
CA GLU A 192 -5.97 -21.41 6.43
C GLU A 192 -4.97 -20.42 7.20
N PHE A 193 -4.95 -19.19 6.67
CA PHE A 193 -4.21 -18.08 7.30
C PHE A 193 -4.78 -17.91 8.70
N LYS A 194 -6.11 -17.86 8.80
CA LYS A 194 -6.75 -17.71 10.10
C LYS A 194 -6.46 -18.77 11.08
N ASP A 195 -6.45 -20.03 10.61
CA ASP A 195 -6.17 -21.14 11.54
C ASP A 195 -4.73 -21.13 12.02
N TYR A 196 -3.81 -20.68 11.10
CA TYR A 196 -2.46 -20.61 11.44
C TYR A 196 -2.26 -19.51 12.53
N ILE A 197 -2.80 -18.31 12.26
CA ILE A 197 -2.59 -17.27 13.24
C ILE A 197 -3.31 -17.52 14.55
N ALA A 198 -4.40 -18.27 14.48
CA ALA A 198 -5.10 -18.62 15.75
C ALA A 198 -4.21 -19.46 16.64
N LYS A 199 -3.45 -20.39 16.07
CA LYS A 199 -2.47 -21.16 16.87
C LYS A 199 -1.40 -20.29 17.47
N LEU A 200 -0.86 -19.32 16.69
CA LEU A 200 0.16 -18.44 17.25
C LEU A 200 -0.46 -17.60 18.36
N ILE A 201 -1.68 -17.12 18.19
CA ILE A 201 -2.33 -16.27 19.17
C ILE A 201 -2.51 -17.10 20.48
N HIS A 202 -2.97 -18.31 20.31
CA HIS A 202 -3.15 -19.17 21.53
C HIS A 202 -1.87 -19.36 22.27
N ASP A 203 -0.80 -19.66 21.54
CA ASP A 203 0.45 -19.94 22.13
C ASP A 203 1.00 -18.77 22.80
N ARG A 204 0.87 -17.55 22.18
CA ARG A 204 1.49 -16.38 22.73
C ARG A 204 0.70 -15.66 23.84
N ARG A 205 -0.56 -15.95 23.92
CA ARG A 205 -1.34 -15.47 25.04
C ARG A 205 -0.78 -16.12 26.32
N ILE A 206 -0.44 -17.39 26.20
CA ILE A 206 0.09 -18.19 27.32
C ILE A 206 1.55 -17.88 27.56
N LYS A 207 2.38 -17.83 26.50
CA LYS A 207 3.82 -17.55 26.56
C LYS A 207 4.16 -16.44 25.54
N PRO A 208 4.11 -15.21 25.96
CA PRO A 208 4.44 -14.14 25.00
C PRO A 208 5.88 -14.03 24.58
N LYS A 209 6.10 -13.67 23.32
CA LYS A 209 7.42 -13.46 22.81
C LYS A 209 7.54 -12.02 22.32
N ASP A 210 8.70 -11.73 21.79
CA ASP A 210 9.04 -10.44 21.32
C ASP A 210 8.64 -10.41 19.83
N ASP A 211 7.39 -10.13 19.60
CA ASP A 211 6.85 -10.02 18.22
C ASP A 211 5.51 -9.33 18.33
N LEU A 212 4.98 -8.91 17.20
CA LEU A 212 3.78 -8.12 17.19
C LEU A 212 2.57 -8.92 17.46
N ILE A 213 2.46 -10.22 17.20
CA ILE A 213 1.29 -10.95 17.53
C ILE A 213 1.20 -10.99 19.08
N SER A 214 2.33 -11.24 19.76
CA SER A 214 2.33 -11.25 21.21
C SER A 214 1.93 -9.88 21.71
N LYS A 215 2.46 -8.83 21.18
CA LYS A 215 2.17 -7.49 21.65
C LYS A 215 0.67 -7.15 21.44
N LEU A 216 0.00 -7.54 20.34
CA LEU A 216 -1.42 -7.27 20.11
C LEU A 216 -2.28 -8.06 21.05
N VAL A 217 -1.92 -9.31 21.31
CA VAL A 217 -2.63 -10.17 22.22
C VAL A 217 -2.63 -9.57 23.61
N HIS A 218 -1.57 -8.92 24.00
CA HIS A 218 -1.50 -8.36 25.35
C HIS A 218 -1.87 -6.91 25.48
N ALA A 219 -2.16 -6.24 24.38
CA ALA A 219 -2.58 -4.86 24.40
C ALA A 219 -3.97 -4.70 25.14
N GLU A 220 -4.01 -3.64 25.93
CA GLU A 220 -5.28 -3.30 26.64
C GLU A 220 -5.34 -1.80 26.70
N GLU A 221 -6.50 -1.23 26.42
CA GLU A 221 -6.66 0.19 26.47
C GLU A 221 -8.04 0.54 27.07
N ASN A 222 -8.03 1.35 28.11
CA ASN A 222 -9.26 1.78 28.82
C ASN A 222 -10.04 0.59 29.19
N GLY A 223 -9.36 -0.47 29.64
CA GLY A 223 -10.05 -1.66 30.02
C GLY A 223 -10.55 -2.63 28.97
N SER A 224 -10.19 -2.35 27.72
CA SER A 224 -10.65 -3.19 26.66
C SER A 224 -9.47 -3.84 25.91
N LYS A 225 -9.66 -5.01 25.45
CA LYS A 225 -8.61 -5.75 24.64
C LYS A 225 -9.23 -6.15 23.34
N LEU A 226 -8.39 -6.48 22.34
CA LEU A 226 -8.91 -7.10 21.15
C LEU A 226 -9.47 -8.50 21.34
N SER A 227 -10.63 -8.77 20.82
CA SER A 227 -11.17 -10.07 20.88
C SER A 227 -10.45 -10.98 19.89
N GLU A 228 -10.70 -12.29 19.97
CA GLU A 228 -10.08 -13.23 19.03
C GLU A 228 -10.35 -12.78 17.58
N LYS A 229 -11.59 -12.52 17.20
CA LYS A 229 -11.94 -12.14 15.83
C LYS A 229 -11.29 -10.80 15.43
N GLU A 230 -11.21 -9.85 16.39
CA GLU A 230 -10.57 -8.54 16.16
C GLU A 230 -9.07 -8.78 15.89
N LEU A 231 -8.44 -9.73 16.56
CA LEU A 231 -7.05 -10.07 16.27
C LEU A 231 -6.93 -10.63 14.87
N TYR A 232 -7.80 -11.52 14.45
CA TYR A 232 -7.72 -12.04 13.09
C TYR A 232 -7.81 -10.88 12.11
N SER A 233 -8.78 -10.01 12.28
CA SER A 233 -8.97 -8.90 11.35
C SER A 233 -7.77 -7.97 11.30
N MET A 234 -7.20 -7.66 12.46
CA MET A 234 -6.12 -6.75 12.57
C MET A 234 -4.89 -7.34 11.92
N LEU A 235 -4.57 -8.60 12.26
CA LEU A 235 -3.35 -9.23 11.70
C LEU A 235 -3.52 -9.42 10.21
N PHE A 236 -4.71 -9.75 9.73
CA PHE A 236 -4.99 -9.83 8.32
C PHE A 236 -4.64 -8.50 7.62
N LEU A 237 -5.18 -7.42 8.16
CA LEU A 237 -4.97 -6.12 7.54
C LEU A 237 -3.49 -5.74 7.50
N LEU A 238 -2.79 -5.96 8.65
CA LEU A 238 -1.39 -5.60 8.74
C LEU A 238 -0.48 -6.39 7.77
N VAL A 239 -0.76 -7.72 7.73
CA VAL A 239 -0.01 -8.55 6.82
C VAL A 239 -0.31 -8.15 5.37
N VAL A 240 -1.52 -7.95 4.97
CA VAL A 240 -1.82 -7.56 3.58
C VAL A 240 -1.05 -6.25 3.20
N ALA A 241 -1.05 -5.32 4.13
CA ALA A 241 -0.33 -3.95 3.94
C ALA A 241 1.10 -4.03 3.84
N GLY A 242 1.70 -4.83 4.66
CA GLY A 242 3.11 -5.01 4.70
C GLY A 242 3.75 -5.71 3.56
N LEU A 243 2.94 -6.36 2.76
CA LEU A 243 3.34 -7.12 1.65
C LEU A 243 3.31 -6.48 0.24
N GLU A 244 2.17 -6.28 -0.37
CA GLU A 244 2.16 -6.09 -1.86
C GLU A 244 2.36 -4.57 -1.98
N THR A 245 1.74 -3.76 -1.20
N THR A 245 1.70 -3.74 -1.22
CA THR A 245 1.81 -2.34 -1.41
CA THR A 245 1.82 -2.27 -1.31
C THR A 245 3.21 -1.77 -1.06
C THR A 245 3.23 -1.77 -1.06
N THR A 246 3.84 -2.34 -0.01
CA THR A 246 5.21 -1.94 0.32
C THR A 246 6.19 -2.44 -0.73
N VAL A 247 5.99 -3.68 -1.20
CA VAL A 247 6.73 -4.18 -2.37
C VAL A 247 6.64 -3.21 -3.49
N ASN A 248 5.47 -2.67 -3.78
CA ASN A 248 5.29 -1.77 -4.91
C ASN A 248 6.02 -0.46 -4.65
N LEU A 249 6.06 0.07 -3.47
CA LEU A 249 6.91 1.24 -3.27
C LEU A 249 8.34 0.93 -3.74
N LEU A 250 8.87 -0.20 -3.26
CA LEU A 250 10.26 -0.50 -3.58
C LEU A 250 10.43 -0.74 -5.02
N GLY A 251 9.52 -1.47 -5.69
CA GLY A 251 9.68 -1.77 -7.09
C GLY A 251 9.51 -0.57 -7.97
N SER A 252 8.35 0.09 -7.81
CA SER A 252 8.07 1.23 -8.61
C SER A 252 8.96 2.39 -8.29
N GLY A 253 9.37 2.53 -7.06
CA GLY A 253 10.36 3.59 -6.75
C GLY A 253 11.68 3.32 -7.41
N THR A 254 12.11 2.05 -7.44
CA THR A 254 13.37 1.73 -8.13
C THR A 254 13.19 2.10 -9.59
N LEU A 255 12.10 1.66 -10.21
CA LEU A 255 11.85 1.97 -11.62
C LEU A 255 11.94 3.51 -11.85
N ALA A 256 11.25 4.28 -11.01
CA ALA A 256 11.24 5.73 -11.20
C ALA A 256 12.66 6.28 -11.09
N LEU A 257 13.46 5.87 -10.14
CA LEU A 257 14.85 6.29 -10.08
C LEU A 257 15.61 5.89 -11.32
N LEU A 258 15.41 4.72 -11.88
CA LEU A 258 16.12 4.26 -13.09
C LEU A 258 15.64 5.02 -14.31
N GLN A 259 14.45 5.59 -14.33
CA GLN A 259 13.95 6.38 -15.44
C GLN A 259 14.31 7.83 -15.36
N HIS A 260 14.90 8.25 -14.25
CA HIS A 260 15.27 9.65 -13.98
C HIS A 260 16.68 9.75 -13.47
N LYS A 261 17.60 9.50 -14.41
CA LYS A 261 19.04 9.39 -14.05
C LYS A 261 19.65 10.55 -13.33
N LYS A 262 19.24 11.76 -13.66
CA LYS A 262 19.74 12.91 -12.97
C LYS A 262 19.31 12.96 -11.53
N GLU A 263 18.09 12.49 -11.24
CA GLU A 263 17.65 12.45 -9.85
C GLU A 263 18.28 11.25 -9.12
N CYS A 264 18.46 10.15 -9.80
CA CYS A 264 19.15 8.98 -9.21
C CYS A 264 20.58 9.36 -8.75
N GLU A 265 21.25 10.08 -9.65
CA GLU A 265 22.64 10.55 -9.33
C GLU A 265 22.72 11.49 -8.18
N LYS A 266 21.73 12.38 -8.02
CA LYS A 266 21.70 13.25 -6.85
C LYS A 266 21.68 12.44 -5.58
N LEU A 267 20.78 11.44 -5.58
CA LEU A 267 20.62 10.70 -4.36
C LEU A 267 21.83 9.79 -4.04
N LYS A 268 22.38 9.23 -5.05
CA LYS A 268 23.57 8.40 -4.93
C LYS A 268 24.75 9.21 -4.34
N GLN A 269 24.90 10.42 -4.80
CA GLN A 269 26.00 11.31 -4.29
C GLN A 269 25.74 11.88 -2.97
N GLN A 270 24.44 12.10 -2.64
CA GLN A 270 24.10 12.68 -1.36
C GLN A 270 22.96 11.88 -0.74
N PRO A 271 23.30 10.87 0.02
CA PRO A 271 22.27 10.05 0.64
C PRO A 271 21.44 10.76 1.65
N GLU A 272 21.83 11.93 2.20
CA GLU A 272 20.96 12.73 3.04
C GLU A 272 19.65 13.16 2.37
N MET A 273 19.63 13.10 1.06
CA MET A 273 18.42 13.36 0.34
C MET A 273 17.34 12.23 0.43
N ILE A 274 17.66 11.16 1.13
CA ILE A 274 16.77 10.01 1.13
C ILE A 274 15.43 10.35 1.67
N ALA A 275 15.26 11.19 2.64
CA ALA A 275 13.94 11.33 3.29
C ALA A 275 13.06 12.04 2.30
N THR A 276 13.46 13.16 1.65
CA THR A 276 12.68 13.82 0.66
C THR A 276 12.50 12.90 -0.57
N ALA A 277 13.50 12.11 -0.90
CA ALA A 277 13.40 11.25 -2.05
C ALA A 277 12.26 10.22 -1.91
N VAL A 278 12.26 9.63 -0.72
CA VAL A 278 11.15 8.60 -0.45
C VAL A 278 9.82 9.27 -0.57
N GLU A 279 9.64 10.48 -0.07
CA GLU A 279 8.36 11.12 -0.18
C GLU A 279 8.01 11.46 -1.61
N GLU A 280 9.00 11.85 -2.40
CA GLU A 280 8.75 12.06 -3.82
C GLU A 280 8.44 10.81 -4.57
N LEU A 281 9.11 9.73 -4.21
CA LEU A 281 8.75 8.44 -4.85
C LEU A 281 7.35 8.03 -4.44
N LEU A 282 6.94 8.22 -3.21
CA LEU A 282 5.54 7.97 -2.84
C LEU A 282 4.60 8.78 -3.64
N ARG A 283 4.86 10.07 -3.82
CA ARG A 283 3.99 10.92 -4.57
C ARG A 283 3.88 10.50 -6.00
N TYR A 284 5.00 10.27 -6.65
CA TYR A 284 5.09 10.01 -8.09
C TYR A 284 4.63 8.59 -8.44
N THR A 285 4.88 7.60 -7.61
CA THR A 285 4.55 6.24 -7.96
C THR A 285 3.23 5.85 -7.40
N SER A 286 2.66 6.53 -6.41
CA SER A 286 1.36 6.25 -5.79
C SER A 286 1.08 4.75 -5.76
N PRO A 287 1.74 3.93 -4.97
CA PRO A 287 1.55 2.47 -4.95
C PRO A 287 0.11 2.12 -4.82
N VAL A 288 -0.62 2.79 -3.95
CA VAL A 288 -2.08 2.77 -3.98
C VAL A 288 -2.48 3.92 -4.88
N VAL A 289 -2.88 3.60 -6.08
CA VAL A 289 -3.13 4.65 -7.09
C VAL A 289 -4.55 5.19 -6.98
N MET A 290 -5.44 4.41 -6.46
CA MET A 290 -6.81 4.80 -6.23
C MET A 290 -7.29 4.06 -5.03
N MET A 291 -8.22 4.62 -4.32
CA MET A 291 -8.86 3.85 -3.22
C MET A 291 -10.33 4.07 -3.18
N ALA A 292 -11.06 3.09 -2.76
CA ALA A 292 -12.51 3.21 -2.73
C ALA A 292 -13.02 2.69 -1.41
N ASN A 293 -13.92 1.72 -1.46
CA ASN A 293 -14.51 1.19 -0.18
C ASN A 293 -15.08 2.28 0.69
N ARG A 294 -15.71 3.24 0.02
CA ARG A 294 -16.27 4.47 0.56
C ARG A 294 -17.68 4.61 -0.03
N TRP A 295 -18.67 4.93 0.77
CA TRP A 295 -20.05 5.07 0.26
C TRP A 295 -20.72 6.25 0.83
N ALA A 296 -21.51 6.95 0.03
CA ALA A 296 -22.34 8.06 0.53
C ALA A 296 -23.48 7.52 1.37
N ILE A 297 -23.67 8.07 2.59
CA ILE A 297 -24.75 7.69 3.48
C ILE A 297 -26.07 8.39 3.14
N GLU A 298 -26.03 9.40 2.37
CA GLU A 298 -27.24 10.20 2.04
C GLU A 298 -27.01 10.89 0.77
N ASP A 299 -28.08 11.31 0.12
CA ASP A 299 -28.01 12.10 -1.01
C ASP A 299 -27.45 13.51 -0.71
N PHE A 300 -26.59 14.07 -1.54
CA PHE A 300 -26.13 15.42 -1.40
C PHE A 300 -25.56 15.93 -2.70
N THR A 301 -25.45 17.23 -2.83
CA THR A 301 -24.87 17.81 -3.98
C THR A 301 -23.45 18.35 -3.68
N TYR A 302 -22.56 18.06 -4.61
CA TYR A 302 -21.19 18.54 -4.52
C TYR A 302 -20.78 19.08 -5.83
N LYS A 303 -20.53 20.40 -5.90
CA LYS A 303 -20.13 21.10 -7.15
C LYS A 303 -21.14 20.85 -8.29
N GLY A 304 -22.40 20.84 -7.90
CA GLY A 304 -23.50 20.60 -8.86
C GLY A 304 -23.83 19.16 -9.17
N HIS A 305 -23.08 18.22 -8.61
CA HIS A 305 -23.27 16.79 -8.88
C HIS A 305 -24.11 16.17 -7.85
N SER A 306 -25.06 15.32 -8.26
CA SER A 306 -26.02 14.70 -7.39
C SER A 306 -25.57 13.37 -6.91
N ILE A 307 -24.88 13.42 -5.77
CA ILE A 307 -24.39 12.14 -5.19
C ILE A 307 -25.55 11.46 -4.49
N LYS A 308 -25.73 10.18 -4.62
CA LYS A 308 -26.80 9.40 -4.05
C LYS A 308 -26.41 8.49 -2.99
N ARG A 309 -27.26 8.22 -1.99
CA ARG A 309 -27.05 7.27 -0.95
C ARG A 309 -26.63 5.94 -1.59
N GLY A 310 -25.52 5.33 -1.15
CA GLY A 310 -25.06 4.09 -1.67
C GLY A 310 -24.06 4.19 -2.76
N ASP A 311 -23.86 5.35 -3.35
CA ASP A 311 -22.89 5.54 -4.39
C ASP A 311 -21.46 5.34 -3.77
N MET A 312 -20.57 4.69 -4.49
CA MET A 312 -19.22 4.50 -4.02
C MET A 312 -18.38 5.66 -4.45
N ILE A 313 -17.38 5.99 -3.65
CA ILE A 313 -16.47 7.04 -3.95
C ILE A 313 -15.06 6.49 -4.21
N PHE A 314 -14.51 6.86 -5.35
CA PHE A 314 -13.15 6.45 -5.72
C PHE A 314 -12.31 7.67 -5.61
N ILE A 315 -11.27 7.64 -4.76
CA ILE A 315 -10.35 8.68 -4.52
C ILE A 315 -9.12 8.48 -5.40
N GLY A 316 -8.89 9.32 -6.38
CA GLY A 316 -7.83 9.23 -7.34
C GLY A 316 -6.54 9.75 -6.82
N ILE A 317 -5.93 9.03 -5.91
CA ILE A 317 -4.61 9.40 -5.36
C ILE A 317 -3.62 9.78 -6.42
N GLY A 318 -3.48 8.95 -7.47
CA GLY A 318 -2.44 9.16 -8.42
C GLY A 318 -2.50 10.56 -9.10
N SER A 319 -3.73 10.95 -9.46
CA SER A 319 -3.89 12.27 -10.05
C SER A 319 -3.89 13.37 -9.05
N ALA A 320 -4.43 13.18 -7.87
CA ALA A 320 -4.41 14.21 -6.86
C ALA A 320 -2.98 14.59 -6.54
N ASN A 321 -2.09 13.58 -6.52
CA ASN A 321 -0.67 13.74 -6.25
C ASN A 321 0.10 14.48 -7.37
N ARG A 322 -0.57 14.69 -8.48
CA ARG A 322 -0.02 15.42 -9.62
C ARG A 322 -0.80 16.66 -9.88
N ASP A 323 -1.59 17.15 -8.95
CA ASP A 323 -2.46 18.32 -9.21
C ASP A 323 -1.64 19.56 -9.16
N PRO A 324 -1.65 20.37 -10.28
CA PRO A 324 -0.83 21.57 -10.25
C PRO A 324 -1.31 22.69 -9.39
N ASN A 325 -2.48 22.61 -8.81
CA ASN A 325 -2.89 23.54 -7.76
C ASN A 325 -2.17 23.34 -6.46
N PHE A 326 -1.58 22.11 -6.28
CA PHE A 326 -0.92 21.78 -5.07
C PHE A 326 0.54 21.40 -5.16
N PHE A 327 1.03 21.12 -6.37
CA PHE A 327 2.37 20.72 -6.60
C PHE A 327 2.89 21.49 -7.83
N GLU A 328 4.11 21.98 -7.66
CA GLU A 328 4.78 22.65 -8.78
C GLU A 328 5.39 21.65 -9.71
N ASN A 329 5.21 21.87 -11.04
CA ASN A 329 5.75 21.00 -12.08
C ASN A 329 5.47 19.53 -11.69
N PRO A 330 4.20 19.21 -11.58
CA PRO A 330 3.82 17.91 -10.93
C PRO A 330 4.22 16.68 -11.68
N GLU A 331 4.45 16.74 -12.99
CA GLU A 331 4.85 15.62 -13.71
C GLU A 331 6.32 15.32 -13.65
N ILE A 332 7.10 16.22 -13.08
CA ILE A 332 8.52 16.09 -12.96
C ILE A 332 8.93 15.43 -11.65
N LEU A 333 9.78 14.45 -11.70
CA LEU A 333 10.33 13.88 -10.47
C LEU A 333 11.36 14.83 -9.88
N ASN A 334 11.19 15.28 -8.68
CA ASN A 334 12.09 16.13 -7.96
C ASN A 334 12.30 15.58 -6.52
N ILE A 335 13.38 14.86 -6.38
CA ILE A 335 13.65 14.21 -5.12
C ILE A 335 13.94 15.06 -3.93
N ASN A 336 14.08 16.39 -4.17
CA ASN A 336 14.20 17.39 -3.19
C ASN A 336 12.96 18.21 -2.90
N ARG A 337 11.78 17.78 -3.41
CA ARG A 337 10.56 18.51 -3.24
C ARG A 337 10.21 18.65 -1.81
N SER A 338 10.02 19.90 -1.31
CA SER A 338 9.81 20.11 0.14
C SER A 338 9.14 21.46 0.43
N PRO A 339 7.96 21.55 1.04
CA PRO A 339 7.08 20.42 1.42
C PRO A 339 6.52 19.54 0.25
N ASN A 340 5.86 18.50 0.64
CA ASN A 340 5.37 17.45 -0.36
C ASN A 340 4.21 16.86 0.35
N ARG A 341 3.03 17.40 0.16
CA ARG A 341 1.83 17.07 0.83
C ARG A 341 1.00 16.05 -0.01
N HIS A 342 1.67 15.00 -0.45
CA HIS A 342 1.01 13.92 -1.16
C HIS A 342 0.03 13.21 -0.25
N ILE A 343 -0.89 12.51 -0.84
CA ILE A 343 -1.87 11.68 -0.15
C ILE A 343 -1.71 10.17 -0.43
N SER A 344 -0.46 9.80 -0.67
CA SER A 344 -0.18 8.37 -0.91
C SER A 344 -0.48 7.44 0.22
N PHE A 345 -0.50 7.98 1.43
CA PHE A 345 -0.86 7.26 2.71
C PHE A 345 -2.31 7.58 3.11
N GLY A 346 -3.08 8.24 2.21
CA GLY A 346 -4.41 8.69 2.54
C GLY A 346 -4.32 9.94 3.36
N PHE A 347 -5.40 10.19 4.13
CA PHE A 347 -5.55 11.46 4.94
C PHE A 347 -6.63 11.31 5.93
N GLY A 348 -6.36 11.77 7.15
CA GLY A 348 -7.38 11.80 8.18
C GLY A 348 -7.47 10.56 9.00
N ILE A 349 -8.70 10.15 9.26
CA ILE A 349 -8.98 9.13 10.22
C ILE A 349 -8.19 7.82 9.97
N HIS A 350 -8.16 7.48 8.70
CA HIS A 350 -7.64 6.19 8.23
C HIS A 350 -6.20 6.38 7.64
N PHE A 351 -5.53 7.45 7.92
CA PHE A 351 -4.18 7.65 7.41
C PHE A 351 -3.36 6.40 7.79
N CYS A 352 -2.52 5.97 6.83
CA CYS A 352 -1.80 4.72 7.02
C CYS A 352 -1.08 4.60 8.30
N LEU A 353 -1.41 3.54 9.02
CA LEU A 353 -0.75 3.16 10.26
C LEU A 353 0.68 2.76 10.08
N GLY A 354 0.94 2.13 8.97
CA GLY A 354 2.28 1.60 8.66
C GLY A 354 3.21 2.56 8.02
N ALA A 355 2.82 3.80 7.86
CA ALA A 355 3.67 4.80 7.13
C ALA A 355 5.08 4.86 7.65
N PRO A 356 5.33 4.80 8.99
CA PRO A 356 6.74 4.91 9.36
C PRO A 356 7.53 3.69 8.92
N LEU A 357 6.90 2.53 8.87
CA LEU A 357 7.60 1.31 8.46
C LEU A 357 7.82 1.31 6.97
N ALA A 358 6.82 1.71 6.18
CA ALA A 358 7.04 1.83 4.74
C ALA A 358 8.15 2.80 4.44
N ARG A 359 8.17 3.93 5.13
CA ARG A 359 9.19 4.92 4.92
C ARG A 359 10.55 4.40 5.33
N LEU A 360 10.65 3.60 6.39
CA LEU A 360 11.94 3.07 6.82
C LEU A 360 12.42 2.05 5.85
N GLU A 361 11.56 1.15 5.37
CA GLU A 361 11.96 0.19 4.39
C GLU A 361 12.44 0.86 3.16
N GLY A 362 11.77 1.86 2.67
CA GLY A 362 12.16 2.63 1.48
C GLY A 362 13.50 3.28 1.71
N HIS A 363 13.68 3.97 2.80
CA HIS A 363 14.97 4.64 3.13
C HIS A 363 16.09 3.63 3.00
N ILE A 364 15.95 2.51 3.68
CA ILE A 364 17.02 1.54 3.77
C ILE A 364 17.26 0.95 2.41
N ALA A 365 16.21 0.49 1.75
CA ALA A 365 16.36 -0.26 0.54
C ALA A 365 16.92 0.58 -0.56
N PHE A 366 16.42 1.76 -0.82
CA PHE A 366 16.91 2.56 -1.95
C PHE A 366 18.35 2.94 -1.73
N LYS A 367 18.72 3.35 -0.52
CA LYS A 367 20.14 3.71 -0.24
C LYS A 367 20.97 2.51 -0.45
N ALA A 368 20.62 1.35 0.06
CA ALA A 368 21.42 0.19 0.01
C ALA A 368 21.62 -0.27 -1.39
N LEU A 369 20.60 -0.30 -2.22
CA LEU A 369 20.69 -0.73 -3.58
C LEU A 369 21.66 0.16 -4.37
N LEU A 370 21.53 1.45 -4.20
CA LEU A 370 22.37 2.45 -4.98
C LEU A 370 23.78 2.42 -4.45
N LYS A 371 24.04 2.07 -3.23
CA LYS A 371 25.42 1.96 -2.65
C LYS A 371 26.03 0.73 -3.23
N ARG A 372 25.31 -0.40 -3.28
CA ARG A 372 25.91 -1.64 -3.71
C ARG A 372 26.10 -1.61 -5.20
N PHE A 373 25.19 -1.09 -5.97
CA PHE A 373 25.19 -1.17 -7.39
C PHE A 373 25.11 0.20 -7.98
N PRO A 374 26.19 0.99 -7.93
CA PRO A 374 26.15 2.36 -8.46
C PRO A 374 25.89 2.42 -9.93
N ASP A 375 26.19 1.37 -10.65
CA ASP A 375 26.00 1.32 -12.11
C ASP A 375 24.69 0.70 -12.60
N ILE A 376 23.81 0.48 -11.62
CA ILE A 376 22.53 -0.15 -11.97
C ILE A 376 21.78 0.63 -13.08
N GLU A 377 21.17 -0.11 -14.00
CA GLU A 377 20.47 0.45 -15.16
C GLU A 377 19.32 -0.44 -15.56
N LEU A 378 18.27 0.19 -16.07
CA LEU A 378 17.12 -0.53 -16.55
C LEU A 378 17.44 -1.45 -17.71
N ALA A 379 16.98 -2.67 -17.78
CA ALA A 379 17.31 -3.64 -18.85
C ALA A 379 15.99 -4.11 -19.45
N VAL A 380 15.01 -3.21 -19.57
CA VAL A 380 13.68 -3.48 -20.22
C VAL A 380 13.29 -2.19 -20.87
N ALA A 381 12.85 -2.27 -22.13
CA ALA A 381 12.35 -1.09 -22.82
C ALA A 381 11.00 -0.63 -22.23
N PRO A 382 10.71 0.66 -22.33
CA PRO A 382 9.41 1.18 -21.79
C PRO A 382 8.15 0.44 -22.21
N ASP A 383 8.02 0.09 -23.50
CA ASP A 383 6.85 -0.64 -23.94
C ASP A 383 6.76 -2.06 -23.47
N ASP A 384 7.83 -2.66 -22.89
CA ASP A 384 7.90 -4.02 -22.49
C ASP A 384 7.74 -4.21 -20.94
N ILE A 385 7.65 -3.08 -20.26
CA ILE A 385 7.56 -3.11 -18.79
C ILE A 385 6.24 -3.79 -18.49
N GLN A 386 6.25 -4.72 -17.56
CA GLN A 386 5.11 -5.58 -17.25
C GLN A 386 4.55 -5.18 -15.87
N TRP A 387 3.33 -4.77 -15.91
CA TRP A 387 2.60 -4.38 -14.73
C TRP A 387 1.59 -5.44 -14.33
N ARG A 388 1.35 -5.68 -13.06
CA ARG A 388 0.30 -6.60 -12.59
C ARG A 388 -1.07 -6.01 -12.88
N LYS A 389 -2.08 -6.87 -13.10
CA LYS A 389 -3.43 -6.48 -13.24
C LYS A 389 -3.99 -6.24 -11.88
N ASN A 390 -4.18 -5.04 -11.54
CA ASN A 390 -4.80 -4.63 -10.26
C ASN A 390 -5.21 -3.20 -10.47
N VAL A 391 -6.46 -2.90 -10.23
CA VAL A 391 -7.08 -1.57 -10.41
C VAL A 391 -6.44 -0.57 -9.37
N PHE A 392 -6.31 -1.00 -8.14
CA PHE A 392 -6.05 -0.12 -7.03
C PHE A 392 -4.60 -0.07 -6.76
N LEU A 393 -3.89 -1.15 -6.82
CA LEU A 393 -2.46 -1.26 -6.48
C LEU A 393 -1.59 -1.31 -7.71
N ARG A 394 -0.77 -0.34 -7.96
CA ARG A 394 0.02 -0.20 -9.16
C ARG A 394 1.37 -0.81 -8.91
N GLY A 395 1.59 -2.00 -9.43
CA GLY A 395 2.78 -2.79 -9.12
C GLY A 395 3.33 -3.57 -10.30
N LEU A 396 4.63 -3.71 -10.30
CA LEU A 396 5.34 -4.43 -11.38
C LEU A 396 5.26 -5.90 -11.21
N GLU A 397 5.19 -6.59 -12.35
CA GLU A 397 5.38 -8.04 -12.31
C GLU A 397 6.85 -8.45 -12.23
N SER A 398 7.66 -7.69 -12.92
CA SER A 398 9.12 -7.91 -12.95
C SER A 398 9.76 -6.63 -13.29
N LEU A 399 11.07 -6.55 -13.00
CA LEU A 399 11.85 -5.35 -13.20
C LEU A 399 13.33 -5.74 -13.53
N PRO A 400 13.53 -6.10 -14.84
CA PRO A 400 14.91 -6.47 -15.21
C PRO A 400 15.87 -5.34 -15.20
N VAL A 401 17.04 -5.47 -14.58
CA VAL A 401 18.07 -4.51 -14.54
C VAL A 401 19.42 -5.18 -14.83
N SER A 402 20.32 -4.27 -15.27
CA SER A 402 21.77 -4.62 -15.33
C SER A 402 22.37 -4.06 -14.10
N LEU A 403 23.15 -4.84 -13.38
CA LEU A 403 23.81 -4.42 -12.16
C LEU A 403 25.21 -3.91 -12.35
N SER A 404 25.96 -4.53 -13.25
CA SER A 404 27.42 -4.33 -13.51
C SER A 404 27.73 -4.91 -14.88
N LYS A 405 28.96 -4.78 -15.44
CA LYS A 405 29.32 -5.39 -16.77
C LYS A 405 29.26 -6.97 -16.95
#